data_4QVB
#
_entry.id   4QVB
#
_cell.length_a   53.579
_cell.length_b   65.172
_cell.length_c   77.063
_cell.angle_alpha   90.00
_cell.angle_beta   90.00
_cell.angle_gamma   90.00
#
_symmetry.space_group_name_H-M   'P 21 21 21'
#
loop_
_entity.id
_entity.type
_entity.pdbx_description
1 polymer 'Rv1155 protein'
2 non-polymer 'FORMIC ACID'
3 non-polymer 1,3-PROPANDIOL
4 non-polymer 1,2-ETHANEDIOL
5 non-polymer S-1,2-PROPANEDIOL
6 non-polymer 'COENZYME F420'
7 non-polymer 'SODIUM ION'
8 water water
#
_entity_poly.entity_id   1
_entity_poly.type   'polypeptide(L)'
_entity_poly.pdbx_seq_one_letter_code
;GARQVFDDKLLAVISGNSIGVLATIKHDGRPQLSNVQYHFDPRKLLIQVSIAEPRAKTRNLRRDPRASILVDADDGWSYA
VAEGTAQLTPPAAAPDDDTVEALIALYRNIAGEHSDWDDYRQAMVTDRRVLLTLPISHVYGLPPGMR
;
_entity_poly.pdbx_strand_id   A,B
#
loop_
_chem_comp.id
_chem_comp.type
_chem_comp.name
_chem_comp.formula
EDO non-polymer 1,2-ETHANEDIOL 'C2 H6 O2'
F42 non-polymer 'COENZYME F420' 'C29 H36 N5 O18 P'
FMT non-polymer 'FORMIC ACID' 'C H2 O2'
NA non-polymer 'SODIUM ION' 'Na 1'
PDO non-polymer 1,3-PROPANDIOL 'C3 H8 O2'
PGO non-polymer S-1,2-PROPANEDIOL 'C3 H8 O2'
#
# COMPACT_ATOMS: atom_id res chain seq x y z
N GLN A 4 -18.60 12.64 10.74
CA GLN A 4 -19.50 11.83 9.91
C GLN A 4 -19.53 10.37 10.38
N VAL A 5 -20.56 9.64 9.97
CA VAL A 5 -20.72 8.25 10.35
C VAL A 5 -19.65 7.37 9.73
N PHE A 6 -19.48 7.53 8.43
CA PHE A 6 -18.46 6.83 7.63
C PHE A 6 -17.08 6.90 8.29
N ASP A 7 -16.70 8.12 8.68
CA ASP A 7 -15.43 8.43 9.33
C ASP A 7 -15.02 7.52 10.48
N ASP A 8 -15.88 7.43 11.48
CA ASP A 8 -15.58 6.63 12.69
C ASP A 8 -15.30 5.17 12.36
N LYS A 9 -16.04 4.62 11.40
CA LYS A 9 -15.83 3.24 11.01
C LYS A 9 -14.45 3.03 10.39
N LEU A 10 -13.95 4.04 9.69
CA LEU A 10 -12.62 4.00 9.11
C LEU A 10 -11.57 4.16 10.20
N LEU A 11 -11.76 5.16 11.06
CA LEU A 11 -10.84 5.41 12.16
C LEU A 11 -10.75 4.21 13.08
N ALA A 12 -11.83 3.44 13.16
CA ALA A 12 -11.82 2.22 13.96
C ALA A 12 -10.86 1.21 13.36
N VAL A 13 -10.78 1.18 12.03
CA VAL A 13 -9.84 0.28 11.35
C VAL A 13 -8.39 0.65 11.71
N ILE A 14 -8.12 1.94 11.77
CA ILE A 14 -6.79 2.41 12.12
C ILE A 14 -6.45 2.07 13.58
N SER A 15 -7.42 2.20 14.50
CA SER A 15 -7.21 1.81 15.92
C SER A 15 -7.02 0.33 16.09
N GLY A 16 -7.47 -0.46 15.11
CA GLY A 16 -7.48 -1.89 15.28
C GLY A 16 -6.28 -2.61 14.71
N ASN A 17 -5.22 -1.87 14.45
CA ASN A 17 -4.06 -2.43 13.80
C ASN A 17 -2.82 -1.60 14.15
N SER A 18 -1.65 -2.06 13.73
CA SER A 18 -0.41 -1.35 14.03
C SER A 18 0.60 -1.53 12.91
N ILE A 19 0.18 -2.14 11.81
CA ILE A 19 1.00 -2.13 10.62
C ILE A 19 0.19 -1.63 9.44
N GLY A 20 0.79 -0.77 8.64
CA GLY A 20 0.10 -0.23 7.48
C GLY A 20 1.05 -0.05 6.33
N VAL A 21 0.49 0.21 5.16
CA VAL A 21 1.28 0.57 3.99
C VAL A 21 1.45 2.10 3.87
N LEU A 22 2.68 2.56 4.03
CA LEU A 22 3.01 3.96 3.87
C LEU A 22 3.37 4.27 2.44
N ALA A 23 2.69 5.26 1.88
CA ALA A 23 2.94 5.75 0.53
C ALA A 23 3.57 7.13 0.57
N THR A 24 4.77 7.23 0.03
CA THR A 24 5.42 8.53 -0.16
C THR A 24 5.47 8.84 -1.67
N ILE A 25 5.99 10.01 -2.03
CA ILE A 25 6.01 10.40 -3.43
C ILE A 25 7.44 10.48 -3.93
N LYS A 26 7.77 9.74 -4.99
CA LYS A 26 9.11 9.80 -5.54
C LYS A 26 9.35 11.11 -6.30
N HIS A 27 10.60 11.36 -6.65
CA HIS A 27 10.96 12.54 -7.41
C HIS A 27 10.21 12.58 -8.75
N ASP A 28 10.05 11.44 -9.40
CA ASP A 28 9.39 11.38 -10.72
C ASP A 28 7.86 11.40 -10.63
N GLY A 29 7.32 11.65 -9.43
CA GLY A 29 5.88 11.70 -9.23
C GLY A 29 5.19 10.39 -8.85
N ARG A 30 5.90 9.27 -9.02
CA ARG A 30 5.40 7.94 -8.70
C ARG A 30 5.31 7.70 -7.21
N PRO A 31 4.23 7.05 -6.76
CA PRO A 31 4.16 6.67 -5.34
C PRO A 31 5.26 5.69 -4.97
N GLN A 32 5.73 5.73 -3.74
CA GLN A 32 6.69 4.76 -3.22
C GLN A 32 6.02 4.07 -2.04
N LEU A 33 6.02 2.74 -2.05
CA LEU A 33 5.24 1.95 -1.09
C LEU A 33 6.11 1.10 -0.15
N SER A 34 5.73 1.03 1.12
CA SER A 34 6.44 0.19 2.05
C SER A 34 5.59 -0.03 3.30
N ASN A 35 5.85 -1.12 4.01
CA ASN A 35 5.14 -1.38 5.26
C ASN A 35 5.78 -0.61 6.39
N VAL A 36 4.95 -0.06 7.27
CA VAL A 36 5.46 0.54 8.49
C VAL A 36 4.66 0.08 9.69
N GLN A 37 5.28 0.13 10.85
CA GLN A 37 4.58 -0.09 12.10
C GLN A 37 4.23 1.28 12.65
N TYR A 38 3.04 1.41 13.23
CA TYR A 38 2.62 2.72 13.72
C TYR A 38 1.94 2.68 15.06
N HIS A 39 1.94 3.83 15.71
CA HIS A 39 1.07 4.06 16.84
C HIS A 39 0.01 5.11 16.50
N PHE A 40 -1.22 4.86 16.92
CA PHE A 40 -2.33 5.76 16.62
C PHE A 40 -2.83 6.43 17.89
N ASP A 41 -2.89 7.76 17.89
CA ASP A 41 -3.47 8.54 18.98
C ASP A 41 -4.89 8.98 18.64
N PRO A 42 -5.90 8.25 19.14
CA PRO A 42 -7.31 8.53 18.82
C PRO A 42 -7.81 9.87 19.34
N ARG A 43 -7.04 10.52 20.21
CA ARG A 43 -7.44 11.80 20.73
C ARG A 43 -7.03 12.92 19.77
N LYS A 44 -5.73 13.16 19.65
CA LYS A 44 -5.22 14.19 18.75
C LYS A 44 -5.32 13.77 17.28
N LEU A 45 -5.90 12.60 17.05
CA LEU A 45 -6.05 12.01 15.71
C LEU A 45 -4.76 12.07 14.89
N LEU A 46 -3.73 11.39 15.38
CA LEU A 46 -2.50 11.33 14.62
C LEU A 46 -1.82 9.95 14.69
N ILE A 47 -1.08 9.65 13.65
CA ILE A 47 -0.33 8.41 13.49
C ILE A 47 1.16 8.67 13.70
N GLN A 48 1.83 7.82 14.47
CA GLN A 48 3.26 7.99 14.70
C GLN A 48 4.06 6.80 14.18
N VAL A 49 5.18 7.08 13.52
CA VAL A 49 5.95 6.03 12.86
C VAL A 49 7.44 6.28 13.06
N SER A 50 8.19 5.22 13.36
CA SER A 50 9.63 5.30 13.45
C SER A 50 10.31 4.95 12.13
N ILE A 51 10.93 5.93 11.49
CA ILE A 51 11.60 5.66 10.22
C ILE A 51 13.07 6.06 10.33
N ALA A 52 13.80 5.97 9.22
CA ALA A 52 15.21 6.23 9.29
C ALA A 52 15.67 7.12 8.16
N GLU A 53 16.58 8.03 8.47
CA GLU A 53 17.04 9.03 7.51
C GLU A 53 17.52 8.46 6.17
N PRO A 54 18.40 7.43 6.16
CA PRO A 54 18.88 6.90 4.88
C PRO A 54 17.82 6.32 3.92
N ARG A 55 16.60 6.11 4.38
CA ARG A 55 15.65 5.37 3.57
C ARG A 55 15.00 6.24 2.52
N ALA A 56 14.55 5.60 1.46
CA ALA A 56 13.85 6.27 0.38
C ALA A 56 12.64 7.01 0.91
N LYS A 57 11.87 6.35 1.76
CA LYS A 57 10.65 6.94 2.28
C LYS A 57 10.94 8.28 2.98
N THR A 58 12.06 8.37 3.68
CA THR A 58 12.39 9.58 4.41
C THR A 58 12.89 10.68 3.46
N ARG A 59 13.76 10.31 2.52
CA ARG A 59 14.23 11.26 1.52
C ARG A 59 13.04 11.86 0.79
N ASN A 60 12.08 11.02 0.42
CA ASN A 60 10.88 11.52 -0.27
C ASN A 60 10.10 12.50 0.58
N LEU A 61 9.85 12.13 1.83
CA LEU A 61 9.05 12.97 2.72
C LEU A 61 9.75 14.30 3.07
N ARG A 62 11.07 14.32 3.09
CA ARG A 62 11.78 15.57 3.33
C ARG A 62 11.70 16.46 2.08
N ARG A 63 11.50 15.86 0.91
CA ARG A 63 11.35 16.66 -0.30
C ARG A 63 9.91 17.09 -0.48
N ASP A 64 8.98 16.25 -0.02
CA ASP A 64 7.55 16.44 -0.15
C ASP A 64 6.84 15.74 1.02
N PRO A 65 6.34 16.51 1.99
CA PRO A 65 5.87 15.90 3.23
C PRO A 65 4.49 15.24 3.16
N ARG A 66 3.87 15.18 1.98
CA ARG A 66 2.58 14.51 1.90
C ARG A 66 2.73 12.99 2.01
N ALA A 67 1.90 12.38 2.85
CA ALA A 67 1.94 10.96 3.11
C ALA A 67 0.54 10.43 3.20
N SER A 68 0.37 9.17 2.82
CA SER A 68 -0.86 8.41 3.09
C SER A 68 -0.46 7.06 3.67
N ILE A 69 -1.34 6.46 4.47
CA ILE A 69 -1.08 5.15 5.06
C ILE A 69 -2.33 4.31 4.96
N LEU A 70 -2.21 3.14 4.33
CA LEU A 70 -3.38 2.27 4.24
C LEU A 70 -3.29 1.17 5.31
N VAL A 71 -4.42 0.94 5.99
CA VAL A 71 -4.51 -0.06 7.05
C VAL A 71 -5.63 -1.07 6.78
N ASP A 72 -5.31 -2.34 6.84
CA ASP A 72 -6.28 -3.41 6.57
C ASP A 72 -7.18 -3.71 7.75
N ALA A 73 -8.46 -3.97 7.48
CA ALA A 73 -9.36 -4.43 8.55
C ALA A 73 -9.08 -5.90 8.81
N ASP A 74 -9.69 -6.44 9.86
CA ASP A 74 -9.49 -7.84 10.25
C ASP A 74 -9.89 -8.82 9.15
N ASP A 75 -10.82 -8.42 8.30
CA ASP A 75 -11.29 -9.30 7.22
C ASP A 75 -10.30 -9.36 6.07
N GLY A 76 -9.23 -8.59 6.16
CA GLY A 76 -8.18 -8.61 5.16
C GLY A 76 -8.58 -8.02 3.82
N TRP A 77 -9.78 -7.45 3.74
CA TRP A 77 -10.26 -6.86 2.49
C TRP A 77 -10.68 -5.42 2.68
N SER A 78 -11.44 -5.15 3.74
CA SER A 78 -11.78 -3.80 4.09
C SER A 78 -10.52 -3.06 4.51
N TYR A 79 -10.57 -1.74 4.46
CA TYR A 79 -9.40 -0.93 4.71
C TYR A 79 -9.75 0.55 4.91
N ALA A 80 -8.84 1.26 5.56
CA ALA A 80 -8.93 2.69 5.68
C ALA A 80 -7.60 3.32 5.28
N VAL A 81 -7.68 4.49 4.67
CA VAL A 81 -6.49 5.26 4.29
C VAL A 81 -6.53 6.62 4.98
N ALA A 82 -5.44 6.98 5.63
CA ALA A 82 -5.32 8.31 6.22
C ALA A 82 -4.28 9.10 5.47
N GLU A 83 -4.63 10.33 5.10
CA GLU A 83 -3.69 11.27 4.49
C GLU A 83 -3.28 12.35 5.46
N GLY A 84 -2.08 12.88 5.27
CA GLY A 84 -1.62 13.95 6.13
C GLY A 84 -0.42 14.60 5.54
N THR A 85 0.08 15.59 6.24
CA THR A 85 1.36 16.21 5.90
C THR A 85 2.31 15.79 7.00
N ALA A 86 3.35 15.08 6.62
CA ALA A 86 4.24 14.49 7.59
C ALA A 86 5.05 15.55 8.35
N GLN A 87 5.22 15.34 9.66
CA GLN A 87 6.16 16.12 10.44
C GLN A 87 7.34 15.22 10.81
N LEU A 88 8.56 15.63 10.50
CA LEU A 88 9.76 14.86 10.83
C LEU A 88 10.68 15.56 11.84
N THR A 89 11.22 14.79 12.79
CA THR A 89 12.27 15.27 13.67
C THR A 89 13.60 15.26 12.92
N PRO A 90 14.61 15.96 13.46
CA PRO A 90 15.96 15.67 12.95
C PRO A 90 16.34 14.21 13.23
N PRO A 91 17.28 13.66 12.45
CA PRO A 91 17.77 12.31 12.70
C PRO A 91 18.47 12.20 14.06
N ALA A 92 18.22 11.11 14.80
CA ALA A 92 18.94 10.82 16.03
C ALA A 92 20.45 10.91 15.78
N ALA A 93 21.14 11.68 16.62
CA ALA A 93 22.57 11.89 16.41
C ALA A 93 23.37 11.54 17.65
N ALA A 94 22.72 11.58 18.81
CA ALA A 94 23.36 11.21 20.07
C ALA A 94 22.39 10.39 20.91
N PRO A 95 22.90 9.42 21.68
CA PRO A 95 22.05 8.42 22.34
C PRO A 95 21.10 9.03 23.34
N ASP A 96 21.32 10.29 23.68
CA ASP A 96 20.49 10.97 24.67
C ASP A 96 19.72 12.19 24.11
N ASP A 97 19.75 12.44 22.80
CA ASP A 97 19.06 13.64 22.33
C ASP A 97 17.54 13.49 22.23
N ASP A 98 16.90 14.59 21.85
CA ASP A 98 15.44 14.72 21.82
C ASP A 98 14.77 13.73 20.89
N THR A 99 15.42 13.41 19.79
CA THR A 99 14.85 12.47 18.84
C THR A 99 14.76 11.08 19.48
N VAL A 100 15.87 10.63 20.04
CA VAL A 100 15.94 9.33 20.69
C VAL A 100 14.93 9.21 21.82
N GLU A 101 14.72 10.31 22.55
CA GLU A 101 13.73 10.30 23.62
C GLU A 101 12.32 10.12 23.06
N ALA A 102 12.01 10.85 22.00
CA ALA A 102 10.70 10.74 21.38
C ALA A 102 10.46 9.30 20.94
N LEU A 103 11.45 8.69 20.30
CA LEU A 103 11.33 7.31 19.83
C LEU A 103 11.18 6.30 20.97
N ILE A 104 11.81 6.56 22.11
CA ILE A 104 11.63 5.73 23.29
C ILE A 104 10.18 5.76 23.77
N ALA A 105 9.59 6.96 23.79
CA ALA A 105 8.19 7.13 24.13
C ALA A 105 7.29 6.38 23.14
N LEU A 106 7.66 6.44 21.86
CA LEU A 106 6.92 5.71 20.84
C LEU A 106 7.05 4.20 21.02
N TYR A 107 8.27 3.74 21.31
CA TYR A 107 8.46 2.31 21.48
C TYR A 107 7.60 1.80 22.65
N ARG A 108 7.47 2.62 23.69
CA ARG A 108 6.66 2.25 24.85
C ARG A 108 5.18 2.13 24.49
N ASN A 109 4.69 3.08 23.70
CA ASN A 109 3.30 3.08 23.26
C ASN A 109 2.96 1.86 22.43
N ILE A 110 3.96 1.29 21.79
CA ILE A 110 3.74 0.20 20.85
C ILE A 110 3.92 -1.17 21.49
N ALA A 111 5.02 -1.35 22.22
CA ALA A 111 5.40 -2.66 22.71
C ALA A 111 5.85 -2.63 24.18
N GLY A 112 5.47 -1.58 24.88
CA GLY A 112 5.73 -1.48 26.31
C GLY A 112 7.19 -1.25 26.65
N GLU A 113 7.76 -2.16 27.45
CA GLU A 113 9.10 -2.00 27.95
C GLU A 113 10.15 -2.73 27.10
N HIS A 114 11.30 -2.10 26.86
CA HIS A 114 12.34 -2.69 26.03
C HIS A 114 13.35 -3.42 26.89
N SER A 115 13.87 -4.53 26.36
CA SER A 115 14.90 -5.30 27.04
C SER A 115 16.06 -4.42 27.53
N ASP A 116 16.74 -3.75 26.61
CA ASP A 116 17.93 -2.96 26.93
C ASP A 116 17.87 -1.56 26.29
N TRP A 117 17.46 -0.56 27.06
CA TRP A 117 17.28 0.78 26.51
C TRP A 117 18.59 1.37 26.00
N ASP A 118 19.70 0.93 26.56
CA ASP A 118 21.00 1.52 26.21
C ASP A 118 21.47 1.07 24.83
N ASP A 119 21.22 -0.19 24.47
CA ASP A 119 21.46 -0.66 23.11
C ASP A 119 20.40 -0.11 22.14
N TYR A 120 19.19 0.10 22.65
CA TYR A 120 18.14 0.68 21.83
C TYR A 120 18.55 2.09 21.41
N ARG A 121 18.87 2.94 22.40
CA ARG A 121 19.42 4.26 22.17
C ARG A 121 20.53 4.24 21.11
N GLN A 122 21.48 3.34 21.26
CA GLN A 122 22.60 3.30 20.35
C GLN A 122 22.15 2.96 18.93
N ALA A 123 21.23 2.00 18.83
CA ALA A 123 20.72 1.54 17.54
C ALA A 123 20.00 2.65 16.77
N MET A 124 19.30 3.52 17.51
CA MET A 124 18.60 4.64 16.92
C MET A 124 19.60 5.60 16.26
N VAL A 125 20.70 5.86 16.94
CA VAL A 125 21.74 6.74 16.41
C VAL A 125 22.41 6.11 15.19
N THR A 126 22.75 4.82 15.29
CA THR A 126 23.38 4.12 14.18
C THR A 126 22.45 4.09 12.98
N ASP A 127 21.16 3.88 13.22
CA ASP A 127 20.14 3.94 12.15
C ASP A 127 19.87 5.33 11.63
N ARG A 128 20.24 6.37 12.38
CA ARG A 128 19.79 7.76 12.16
C ARG A 128 18.26 7.82 12.10
N ARG A 129 17.66 7.31 13.15
CA ARG A 129 16.24 7.09 13.19
C ARG A 129 15.50 8.42 13.28
N VAL A 130 14.33 8.47 12.67
CA VAL A 130 13.51 9.68 12.64
C VAL A 130 12.14 9.37 13.19
N LEU A 131 11.56 10.28 13.97
CA LEU A 131 10.15 10.14 14.36
C LEU A 131 9.28 10.87 13.36
N LEU A 132 8.37 10.12 12.75
CA LEU A 132 7.41 10.68 11.81
C LEU A 132 6.06 10.82 12.50
N THR A 133 5.55 12.04 12.51
CA THR A 133 4.23 12.32 13.03
C THR A 133 3.31 12.75 11.88
N LEU A 134 2.17 12.07 11.76
CA LEU A 134 1.25 12.32 10.69
C LEU A 134 -0.11 12.71 11.28
N PRO A 135 -0.34 14.02 11.40
CA PRO A 135 -1.70 14.45 11.72
C PRO A 135 -2.62 14.02 10.59
N ILE A 136 -3.68 13.29 10.93
CA ILE A 136 -4.63 12.83 9.93
C ILE A 136 -5.46 13.98 9.40
N SER A 137 -5.32 14.31 8.12
CA SER A 137 -6.07 15.45 7.57
C SER A 137 -7.29 15.00 6.75
N HIS A 138 -7.38 13.70 6.47
CA HIS A 138 -8.42 13.14 5.61
C HIS A 138 -8.38 11.61 5.70
N VAL A 139 -9.56 10.99 5.69
CA VAL A 139 -9.67 9.53 5.65
C VAL A 139 -10.65 9.07 4.59
N TYR A 140 -10.36 7.93 3.99
CA TYR A 140 -11.28 7.30 3.04
C TYR A 140 -10.99 5.83 3.01
N GLY A 141 -11.83 5.09 2.30
CA GLY A 141 -11.59 3.68 2.13
C GLY A 141 -12.89 2.90 2.07
N LEU A 142 -12.85 1.68 2.61
CA LEU A 142 -13.99 0.79 2.59
C LEU A 142 -14.10 0.05 3.92
N PRO A 143 -14.92 0.56 4.85
CA PRO A 143 -15.06 -0.03 6.19
C PRO A 143 -15.67 -1.43 6.17
N PRO A 144 -15.31 -2.27 7.13
CA PRO A 144 -15.89 -3.62 7.18
C PRO A 144 -17.39 -3.59 7.46
N GLN B 4 17.17 -12.33 -10.88
CA GLN B 4 18.04 -12.52 -9.73
C GLN B 4 17.35 -13.40 -8.67
N VAL B 5 18.17 -13.99 -7.78
CA VAL B 5 17.68 -14.75 -6.63
C VAL B 5 16.76 -13.88 -5.79
N PHE B 6 17.17 -12.62 -5.63
N PHE B 6 15.14 -8.46 -11.81
CA PHE B 6 16.36 -11.63 -4.91
CA PHE B 6 14.08 -8.80 -10.89
C PHE B 6 15.07 -11.31 -5.63
C PHE B 6 14.54 -9.84 -9.88
N ASP B 7 15.20 -10.84 -6.87
N ASP B 7 14.12 -9.69 -8.63
CA ASP B 7 14.05 -10.53 -7.72
CA ASP B 7 14.47 -10.67 -7.62
C ASP B 7 13.09 -11.70 -7.72
C ASP B 7 13.35 -11.69 -7.42
N ASP B 8 13.62 -12.92 -7.64
N ASP B 8 13.68 -12.96 -7.63
CA ASP B 8 12.77 -14.09 -7.53
C ASP B 8 12.14 -14.22 -6.14
N LYS B 9 12.84 -13.79 -5.09
CA LYS B 9 12.22 -13.84 -3.77
C LYS B 9 11.04 -12.88 -3.68
N LEU B 10 11.15 -11.76 -4.38
CA LEU B 10 10.10 -10.73 -4.40
C LEU B 10 8.92 -11.19 -5.26
N LEU B 11 9.22 -11.69 -6.45
CA LEU B 11 8.19 -12.25 -7.33
C LEU B 11 7.46 -13.40 -6.66
N ALA B 12 8.18 -14.19 -5.88
CA ALA B 12 7.56 -15.29 -5.16
C ALA B 12 6.53 -14.74 -4.20
N VAL B 13 6.81 -13.57 -3.61
CA VAL B 13 5.80 -12.95 -2.74
C VAL B 13 4.59 -12.59 -3.59
N ILE B 14 4.83 -12.10 -4.79
CA ILE B 14 3.71 -11.70 -5.64
C ILE B 14 2.94 -12.91 -6.18
N SER B 15 3.64 -13.93 -6.67
CA SER B 15 2.95 -15.09 -7.23
C SER B 15 2.20 -15.84 -6.13
N GLY B 16 2.64 -15.66 -4.89
CA GLY B 16 2.04 -16.36 -3.76
C GLY B 16 0.83 -15.75 -3.09
N ASN B 17 0.26 -14.68 -3.65
CA ASN B 17 -0.87 -14.04 -3.00
C ASN B 17 -1.86 -13.64 -4.09
N SER B 18 -2.95 -13.01 -3.68
CA SER B 18 -3.99 -12.62 -4.63
C SER B 18 -4.59 -11.25 -4.30
N ILE B 19 -4.23 -10.71 -3.14
CA ILE B 19 -4.74 -9.43 -2.68
C ILE B 19 -3.58 -8.47 -2.55
N GLY B 20 -3.71 -7.29 -3.13
CA GLY B 20 -2.67 -6.28 -3.00
C GLY B 20 -3.17 -4.86 -2.84
N VAL B 21 -2.29 -3.97 -2.42
CA VAL B 21 -2.58 -2.56 -2.35
C VAL B 21 -2.18 -1.93 -3.66
N LEU B 22 -3.18 -1.48 -4.43
CA LEU B 22 -2.96 -0.74 -5.66
C LEU B 22 -2.75 0.75 -5.34
N ALA B 23 -1.77 1.36 -5.97
CA ALA B 23 -1.49 2.76 -5.76
C ALA B 23 -1.51 3.45 -7.10
N THR B 24 -2.38 4.45 -7.20
CA THR B 24 -2.50 5.27 -8.38
C THR B 24 -2.20 6.72 -8.01
N ILE B 25 -2.19 7.59 -9.01
CA ILE B 25 -1.82 8.98 -8.80
C ILE B 25 -3.03 9.91 -8.97
N LYS B 26 -3.35 10.67 -7.92
CA LYS B 26 -4.37 11.72 -7.98
C LYS B 26 -3.98 12.91 -8.87
N HIS B 27 -4.96 13.72 -9.24
CA HIS B 27 -4.71 14.90 -10.04
C HIS B 27 -3.78 15.87 -9.31
N ASP B 28 -3.83 15.87 -7.98
CA ASP B 28 -2.94 16.75 -7.22
C ASP B 28 -1.57 16.13 -6.97
N GLY B 29 -1.32 14.96 -7.56
CA GLY B 29 -0.01 14.34 -7.49
C GLY B 29 0.23 13.40 -6.31
N ARG B 30 -0.68 13.36 -5.35
CA ARG B 30 -0.47 12.49 -4.21
C ARG B 30 -1.11 11.12 -4.46
N PRO B 31 -0.60 10.07 -3.79
CA PRO B 31 -1.09 8.72 -4.09
C PRO B 31 -2.55 8.47 -3.69
N GLN B 32 -3.21 7.62 -4.45
CA GLN B 32 -4.50 7.11 -4.05
C GLN B 32 -4.33 5.61 -3.85
N LEU B 33 -4.81 5.08 -2.72
CA LEU B 33 -4.57 3.68 -2.38
C LEU B 33 -5.87 2.92 -2.16
N SER B 34 -5.88 1.65 -2.56
CA SER B 34 -7.01 0.75 -2.32
C SER B 34 -6.58 -0.69 -2.44
N ASN B 35 -7.38 -1.59 -1.89
CA ASN B 35 -7.10 -3.01 -2.04
C ASN B 35 -7.65 -3.55 -3.33
N VAL B 36 -6.88 -4.41 -3.98
CA VAL B 36 -7.36 -5.09 -5.16
C VAL B 36 -7.01 -6.57 -5.11
N GLN B 37 -7.87 -7.37 -5.72
CA GLN B 37 -7.64 -8.77 -5.95
C GLN B 37 -6.94 -8.86 -7.31
N TYR B 38 -5.99 -9.78 -7.44
CA TYR B 38 -5.21 -9.85 -8.68
C TYR B 38 -4.82 -11.27 -9.00
N HIS B 39 -4.40 -11.46 -10.24
CA HIS B 39 -3.81 -12.68 -10.72
C HIS B 39 -2.47 -12.32 -11.31
N PHE B 40 -1.43 -13.09 -10.95
CA PHE B 40 -0.07 -12.88 -11.48
C PHE B 40 0.27 -13.95 -12.52
N ASP B 41 0.62 -13.50 -13.71
CA ASP B 41 1.06 -14.35 -14.80
C ASP B 41 2.58 -14.38 -14.84
N PRO B 42 3.21 -15.43 -14.28
CA PRO B 42 4.67 -15.43 -14.15
C PRO B 42 5.37 -15.59 -15.49
N ARG B 43 4.73 -16.25 -16.46
CA ARG B 43 5.34 -16.45 -17.77
C ARG B 43 5.50 -15.10 -18.48
N LYS B 44 4.43 -14.32 -18.49
CA LYS B 44 4.47 -13.00 -19.13
C LYS B 44 4.88 -11.88 -18.19
N LEU B 45 5.01 -12.18 -16.91
CA LEU B 45 5.28 -11.16 -15.87
C LEU B 45 4.23 -10.04 -15.91
N LEU B 46 2.96 -10.42 -15.89
CA LEU B 46 1.82 -9.50 -15.90
C LEU B 46 1.05 -9.61 -14.60
N ILE B 47 0.43 -8.52 -14.19
CA ILE B 47 -0.53 -8.56 -13.09
C ILE B 47 -1.87 -8.02 -13.59
N GLN B 48 -2.91 -8.84 -13.50
CA GLN B 48 -4.21 -8.47 -14.05
C GLN B 48 -5.24 -8.20 -12.97
N VAL B 49 -5.97 -7.10 -13.11
CA VAL B 49 -6.95 -6.71 -12.10
C VAL B 49 -8.24 -6.30 -12.78
N SER B 50 -9.35 -6.57 -12.14
CA SER B 50 -10.66 -6.14 -12.60
C SER B 50 -11.06 -4.89 -11.85
N ILE B 51 -11.29 -3.81 -12.58
CA ILE B 51 -11.69 -2.54 -11.98
C ILE B 51 -12.86 -1.96 -12.77
N ALA B 52 -13.50 -0.94 -12.23
CA ALA B 52 -14.71 -0.38 -12.82
C ALA B 52 -14.52 1.07 -13.24
N GLU B 53 -15.03 1.44 -14.41
CA GLU B 53 -14.76 2.76 -15.00
C GLU B 53 -14.99 3.96 -14.08
N PRO B 54 -16.11 4.01 -13.34
CA PRO B 54 -16.30 5.20 -12.50
C PRO B 54 -15.57 5.24 -11.16
N ARG B 55 -14.69 4.30 -10.84
CA ARG B 55 -13.94 4.40 -9.59
C ARG B 55 -12.74 5.35 -9.71
N ALA B 56 -12.34 5.92 -8.58
CA ALA B 56 -11.19 6.84 -8.53
C ALA B 56 -9.92 6.23 -9.12
N LYS B 57 -9.68 4.95 -8.82
CA LYS B 57 -8.44 4.30 -9.26
C LYS B 57 -8.41 4.20 -10.77
N THR B 58 -9.58 3.97 -11.38
CA THR B 58 -9.67 3.87 -12.83
C THR B 58 -9.46 5.22 -13.51
N ARG B 59 -10.15 6.23 -13.02
CA ARG B 59 -10.01 7.58 -13.55
C ARG B 59 -8.57 8.05 -13.43
N ASN B 60 -7.92 7.74 -12.31
CA ASN B 60 -6.52 8.11 -12.16
C ASN B 60 -5.63 7.47 -13.21
N LEU B 61 -5.92 6.23 -13.52
CA LEU B 61 -5.06 5.46 -14.41
C LEU B 61 -5.26 5.88 -15.86
N ARG B 62 -6.49 6.25 -16.23
CA ARG B 62 -6.73 6.79 -17.55
C ARG B 62 -5.96 8.08 -17.70
N ARG B 63 -5.84 8.83 -16.62
CA ARG B 63 -5.13 10.11 -16.66
C ARG B 63 -3.60 9.93 -16.64
N ASP B 64 -3.12 9.07 -15.76
CA ASP B 64 -1.68 8.76 -15.65
C ASP B 64 -1.57 7.28 -15.39
N PRO B 65 -1.13 6.51 -16.41
CA PRO B 65 -1.13 5.03 -16.37
C PRO B 65 -0.11 4.39 -15.41
N ARG B 66 0.65 5.18 -14.68
CA ARG B 66 1.65 4.60 -13.79
C ARG B 66 1.02 4.01 -12.53
N ALA B 67 1.36 2.75 -12.26
CA ALA B 67 0.76 1.99 -11.17
C ALA B 67 1.78 1.14 -10.39
N SER B 68 1.54 1.04 -9.09
CA SER B 68 2.31 0.15 -8.22
C SER B 68 1.35 -0.71 -7.40
N ILE B 69 1.80 -1.93 -7.09
CA ILE B 69 1.04 -2.84 -6.27
C ILE B 69 1.96 -3.42 -5.20
N LEU B 70 1.62 -3.19 -3.94
CA LEU B 70 2.32 -3.81 -2.82
C LEU B 70 1.57 -5.06 -2.41
N VAL B 71 2.29 -6.17 -2.32
CA VAL B 71 1.75 -7.43 -1.84
C VAL B 71 2.48 -7.84 -0.56
N ASP B 72 1.71 -8.20 0.47
CA ASP B 72 2.28 -8.73 1.72
C ASP B 72 2.64 -10.21 1.65
N ALA B 73 3.72 -10.60 2.31
CA ALA B 73 4.08 -12.03 2.42
C ALA B 73 3.30 -12.71 3.54
N ASP B 74 3.52 -14.01 3.69
CA ASP B 74 2.72 -14.85 4.59
C ASP B 74 2.95 -14.50 6.05
N ASP B 75 4.11 -13.94 6.34
CA ASP B 75 4.47 -13.58 7.72
C ASP B 75 3.73 -12.34 8.17
N GLY B 76 3.21 -11.59 7.21
CA GLY B 76 2.46 -10.38 7.52
C GLY B 76 3.40 -9.30 8.00
N TRP B 77 4.66 -9.40 7.58
CA TRP B 77 5.65 -8.37 7.85
C TRP B 77 6.23 -7.93 6.53
N SER B 78 6.97 -8.83 5.88
CA SER B 78 7.68 -8.55 4.64
C SER B 78 6.74 -8.35 3.44
N TYR B 79 7.29 -7.85 2.33
CA TYR B 79 6.46 -7.40 1.20
C TYR B 79 7.24 -7.27 -0.10
N ALA B 80 6.49 -7.21 -1.19
CA ALA B 80 7.05 -6.90 -2.49
C ALA B 80 6.16 -5.88 -3.19
N VAL B 81 6.77 -4.99 -3.95
CA VAL B 81 6.03 -3.99 -4.69
C VAL B 81 6.36 -4.16 -6.16
N ALA B 82 5.33 -4.27 -7.02
CA ALA B 82 5.56 -4.27 -8.46
C ALA B 82 5.13 -2.95 -9.07
N GLU B 83 6.01 -2.41 -9.91
CA GLU B 83 5.73 -1.20 -10.67
C GLU B 83 5.59 -1.48 -12.15
N GLY B 84 4.72 -0.72 -12.79
CA GLY B 84 4.64 -0.73 -14.23
C GLY B 84 3.80 0.41 -14.78
N THR B 85 3.53 0.32 -16.08
CA THR B 85 2.68 1.26 -16.75
C THR B 85 1.43 0.49 -17.16
N ALA B 86 0.27 0.88 -16.62
CA ALA B 86 -0.96 0.12 -16.83
C ALA B 86 -1.44 0.13 -18.29
N GLN B 87 -1.99 -1.00 -18.73
CA GLN B 87 -2.74 -1.02 -19.97
C GLN B 87 -4.18 -1.36 -19.62
N LEU B 88 -5.12 -0.56 -20.14
CA LEU B 88 -6.52 -0.71 -19.79
C LEU B 88 -7.37 -0.98 -21.01
N THR B 89 -8.29 -1.94 -20.90
CA THR B 89 -9.28 -2.21 -21.93
C THR B 89 -10.32 -1.10 -21.85
N PRO B 90 -11.08 -0.90 -22.93
CA PRO B 90 -12.26 -0.04 -22.77
C PRO B 90 -13.24 -0.68 -21.79
N PRO B 91 -14.15 0.13 -21.22
CA PRO B 91 -15.12 -0.53 -20.33
C PRO B 91 -15.99 -1.52 -21.11
N ALA B 92 -16.39 -2.59 -20.42
CA ALA B 92 -17.30 -3.59 -20.97
C ALA B 92 -18.59 -2.92 -21.43
N ALA B 93 -19.02 -3.21 -22.65
CA ALA B 93 -20.19 -2.53 -23.21
C ALA B 93 -21.23 -3.51 -23.78
N ALA B 94 -20.85 -4.78 -23.89
CA ALA B 94 -21.72 -5.81 -24.42
C ALA B 94 -21.31 -7.16 -23.82
N PRO B 95 -22.29 -7.97 -23.39
CA PRO B 95 -22.04 -9.16 -22.57
C PRO B 95 -21.05 -10.17 -23.16
N ASP B 96 -20.65 -10.02 -24.41
CA ASP B 96 -19.59 -10.87 -24.92
C ASP B 96 -18.56 -10.13 -25.77
N ASP B 97 -18.35 -8.84 -25.50
CA ASP B 97 -17.25 -8.13 -26.16
C ASP B 97 -15.91 -8.64 -25.59
N ASP B 98 -14.80 -8.28 -26.23
CA ASP B 98 -13.49 -8.79 -25.84
C ASP B 98 -13.15 -8.48 -24.39
N THR B 99 -13.64 -7.36 -23.89
CA THR B 99 -13.40 -6.95 -22.51
C THR B 99 -14.06 -7.93 -21.54
N VAL B 100 -15.32 -8.27 -21.75
CA VAL B 100 -16.01 -9.23 -20.87
C VAL B 100 -15.36 -10.60 -20.97
N GLU B 101 -15.00 -11.01 -22.17
CA GLU B 101 -14.26 -12.26 -22.36
C GLU B 101 -12.97 -12.33 -21.52
N ALA B 102 -12.23 -11.24 -21.49
CA ALA B 102 -11.00 -11.17 -20.72
C ALA B 102 -11.29 -11.19 -19.22
N LEU B 103 -12.37 -10.53 -18.79
CA LEU B 103 -12.72 -10.53 -17.37
C LEU B 103 -13.17 -11.91 -16.91
N ILE B 104 -13.75 -12.68 -17.84
CA ILE B 104 -14.15 -14.05 -17.57
C ILE B 104 -12.93 -14.90 -17.28
N ALA B 105 -11.93 -14.77 -18.14
CA ALA B 105 -10.66 -15.48 -18.00
C ALA B 105 -9.93 -15.08 -16.71
N LEU B 106 -10.00 -13.79 -16.37
CA LEU B 106 -9.43 -13.30 -15.12
C LEU B 106 -10.13 -13.93 -13.89
N TYR B 107 -11.46 -13.96 -13.87
CA TYR B 107 -12.18 -14.52 -12.73
C TYR B 107 -11.91 -16.03 -12.59
N ARG B 108 -11.71 -16.72 -13.70
CA ARG B 108 -11.30 -18.12 -13.62
C ARG B 108 -9.98 -18.22 -12.90
N ASN B 109 -8.97 -17.49 -13.36
CA ASN B 109 -7.65 -17.54 -12.76
C ASN B 109 -7.69 -17.27 -11.27
N ILE B 110 -8.63 -16.44 -10.84
CA ILE B 110 -8.67 -16.02 -9.45
C ILE B 110 -9.57 -16.88 -8.60
N ALA B 111 -10.72 -17.26 -9.14
CA ALA B 111 -11.79 -17.86 -8.35
C ALA B 111 -12.38 -19.12 -8.95
N GLY B 112 -11.81 -19.60 -10.05
CA GLY B 112 -12.28 -20.82 -10.66
C GLY B 112 -13.60 -20.66 -11.39
N GLU B 113 -14.39 -21.73 -11.43
CA GLU B 113 -15.63 -21.75 -12.19
C GLU B 113 -16.74 -20.96 -11.53
N HIS B 114 -17.34 -20.07 -12.30
CA HIS B 114 -18.41 -19.22 -11.79
C HIS B 114 -19.76 -19.93 -11.83
N SER B 115 -20.59 -19.68 -10.82
CA SER B 115 -21.94 -20.27 -10.73
C SER B 115 -22.85 -19.93 -11.91
N ASP B 116 -23.04 -18.64 -12.17
CA ASP B 116 -23.85 -18.17 -13.28
C ASP B 116 -23.04 -17.19 -14.13
N TRP B 117 -22.33 -17.71 -15.13
CA TRP B 117 -21.52 -16.89 -16.04
C TRP B 117 -22.30 -15.79 -16.76
N ASP B 118 -23.58 -16.06 -17.06
CA ASP B 118 -24.42 -15.09 -17.77
C ASP B 118 -24.70 -13.86 -16.92
N ASP B 119 -24.85 -14.05 -15.62
CA ASP B 119 -25.03 -12.93 -14.71
C ASP B 119 -23.72 -12.19 -14.56
N TYR B 120 -22.63 -12.94 -14.52
CA TYR B 120 -21.31 -12.33 -14.47
C TYR B 120 -21.14 -11.40 -15.66
N ARG B 121 -21.50 -11.89 -16.85
CA ARG B 121 -21.38 -11.12 -18.08
C ARG B 121 -22.18 -9.81 -18.03
N GLN B 122 -23.38 -9.88 -17.45
CA GLN B 122 -24.28 -8.73 -17.39
C GLN B 122 -23.80 -7.70 -16.37
N ALA B 123 -23.19 -8.19 -15.29
CA ALA B 123 -22.69 -7.31 -14.25
C ALA B 123 -21.46 -6.54 -14.76
N MET B 124 -20.63 -7.21 -15.56
CA MET B 124 -19.47 -6.54 -16.13
C MET B 124 -19.93 -5.35 -16.96
N VAL B 125 -20.96 -5.56 -17.78
CA VAL B 125 -21.47 -4.48 -18.62
C VAL B 125 -22.05 -3.38 -17.74
N THR B 126 -22.87 -3.81 -16.78
CA THR B 126 -23.57 -2.88 -15.90
C THR B 126 -22.61 -2.05 -15.09
N ASP B 127 -21.64 -2.70 -14.46
CA ASP B 127 -20.69 -1.99 -13.62
C ASP B 127 -19.56 -1.37 -14.47
N ARG B 128 -19.65 -1.53 -15.78
CA ARG B 128 -18.65 -1.00 -16.68
C ARG B 128 -17.24 -1.40 -16.24
N ARG B 129 -16.99 -2.70 -16.21
CA ARG B 129 -15.71 -3.23 -15.74
C ARG B 129 -14.65 -3.12 -16.79
N VAL B 130 -13.42 -2.94 -16.32
CA VAL B 130 -12.24 -2.82 -17.14
C VAL B 130 -11.19 -3.84 -16.70
N LEU B 131 -10.50 -4.45 -17.66
CA LEU B 131 -9.35 -5.27 -17.32
C LEU B 131 -8.11 -4.38 -17.19
N LEU B 132 -7.54 -4.33 -16.00
CA LEU B 132 -6.22 -3.72 -15.81
C LEU B 132 -5.09 -4.73 -16.06
N THR B 133 -4.27 -4.48 -17.05
CA THR B 133 -3.07 -5.30 -17.21
C THR B 133 -1.85 -4.46 -16.85
N LEU B 134 -1.06 -4.99 -15.93
CA LEU B 134 0.13 -4.27 -15.46
C LEU B 134 1.39 -5.11 -15.68
N PRO B 135 2.10 -4.83 -16.77
CA PRO B 135 3.40 -5.46 -17.01
C PRO B 135 4.39 -4.97 -15.95
N ILE B 136 5.02 -5.91 -15.26
CA ILE B 136 5.98 -5.57 -14.24
C ILE B 136 7.29 -5.12 -14.85
N SER B 137 7.62 -3.85 -14.65
CA SER B 137 8.85 -3.30 -15.21
C SER B 137 9.92 -3.10 -14.12
N HIS B 138 9.49 -3.14 -12.86
CA HIS B 138 10.40 -2.98 -11.74
C HIS B 138 9.77 -3.60 -10.49
N VAL B 139 10.59 -4.30 -9.71
CA VAL B 139 10.19 -4.83 -8.42
C VAL B 139 11.11 -4.36 -7.30
N TYR B 140 10.57 -4.05 -6.12
CA TYR B 140 11.40 -3.78 -4.96
C TYR B 140 10.68 -4.26 -3.73
N GLY B 141 11.35 -4.18 -2.58
CA GLY B 141 10.71 -4.57 -1.34
C GLY B 141 11.64 -5.25 -0.36
N LEU B 142 11.06 -5.91 0.61
CA LEU B 142 11.79 -6.58 1.66
C LEU B 142 11.36 -8.02 1.70
N PRO B 143 12.05 -8.91 0.97
CA PRO B 143 11.63 -10.31 0.87
C PRO B 143 11.66 -11.00 2.23
N PRO B 144 10.88 -12.07 2.39
CA PRO B 144 10.92 -12.83 3.64
C PRO B 144 12.30 -13.42 3.90
N GLY B 145 12.97 -12.99 4.97
CA GLY B 145 14.25 -13.56 5.36
C GLY B 145 15.33 -12.58 5.80
N MET B 146 14.98 -11.29 5.87
CA MET B 146 15.98 -10.27 6.14
C MET B 146 15.42 -8.98 6.71
N ARG B 147 16.32 -8.03 6.99
CA ARG B 147 15.96 -6.75 7.60
C ARG B 147 16.26 -5.56 6.68
C FMT C . 15.02 4.53 30.08
O1 FMT C . 14.14 4.92 29.29
O2 FMT C . 16.18 4.96 30.10
C FMT D . -11.12 12.93 9.19
O1 FMT D . -10.04 13.50 9.35
O2 FMT D . -11.66 12.23 10.04
C FMT E . 13.27 9.49 -5.64
O1 FMT E . 12.71 10.27 -4.88
O2 FMT E . 12.73 8.52 -6.15
C1 PDO F . -14.23 -7.27 10.79
O1 PDO F . -13.18 -6.95 9.90
C2 PDO F . -14.38 -6.16 11.80
C3 PDO F . -15.76 -5.51 11.88
O3 PDO F . -15.84 -4.84 13.10
C1 PDO G . 19.83 17.24 24.51
O1 PDO G . 20.98 16.62 25.05
C2 PDO G . 20.03 17.35 23.01
C3 PDO G . 18.72 17.40 22.24
O3 PDO G . 19.04 17.43 20.87
C1 EDO H . -13.23 -10.40 -2.61
O1 EDO H . -14.53 -9.83 -2.84
C2 EDO H . -12.80 -10.05 -1.18
O2 EDO H . -11.56 -10.72 -0.91
C1 EDO I . -1.72 -6.48 0.65
O1 EDO I . -1.27 -7.82 0.31
C2 EDO I . -2.84 -6.55 1.69
O2 EDO I . -3.63 -5.34 1.71
C1 EDO J . 19.88 16.42 8.01
O1 EDO J . 21.04 15.59 8.16
C2 EDO J . 18.67 15.53 7.66
O2 EDO J . 17.63 16.32 7.05
C1 EDO K . 12.66 7.18 -12.92
O1 EDO K . 13.16 6.68 -11.66
C2 EDO K . 11.87 6.10 -13.64
O2 EDO K . 12.57 5.58 -14.79
C1 PGO L . -12.55 -3.20 13.19
C2 PGO L . -11.66 -3.78 12.09
C3 PGO L . -12.14 -5.18 11.73
O1 PGO L . -13.34 -2.13 12.67
O2 PGO L . -10.31 -3.84 12.57
N1 F42 M . 10.66 0.52 8.39
C2 F42 M . 10.43 1.73 8.91
O2 F42 M . 11.18 2.84 8.45
N3 F42 M . 9.49 1.88 9.86
C4 F42 M . 8.79 0.82 10.35
O4 F42 M . 7.82 0.99 11.35
C4A F42 M . 9.01 -0.46 9.84
C5 F42 M . 8.07 -1.61 10.01
C5A F42 M . 7.98 -2.69 8.97
C6 F42 M . 7.00 -3.67 8.96
C7 F42 M . 7.03 -4.63 7.93
C8 F42 M . 8.00 -4.61 6.95
O8M F42 M . 8.00 -5.58 5.92
C9 F42 M . 8.97 -3.64 6.95
C9A F42 M . 8.94 -2.69 7.96
N10 F42 M . 9.98 -1.70 7.94
C10 F42 M . 9.89 -0.51 8.76
C1' F42 M . 11.03 -1.84 6.97
C2' F42 M . 10.87 -0.69 5.98
O2' F42 M . 9.98 -1.07 4.94
C3' F42 M . 12.24 -0.34 5.38
O3' F42 M . 12.48 1.07 5.55
C4' F42 M . 12.25 -0.68 3.90
O4' F42 M . 12.09 -2.10 3.74
C5' F42 M . 13.57 -0.25 3.28
O5' F42 M . 12.57 1.61 2.91
P F42 M . 12.77 2.25 1.73
O1P F42 M . 11.90 3.47 1.91
O2P F42 M . 14.23 2.61 1.47
O3P F42 M . 12.20 1.33 0.55
C1I F42 M . 13.05 0.84 -0.49
C2I F42 M . 13.22 -0.65 -0.34
C3I F42 M . 12.36 1.22 -1.78
O3I F42 M . 11.21 1.57 -1.71
N1H F42 M . 13.02 1.19 -3.04
C1H F42 M . 12.34 1.56 -4.23
C2H F42 M . 13.11 1.01 -5.41
O2U F42 M . 12.66 1.19 -6.57
O2T F42 M . 14.17 0.36 -5.21
C3H F42 M . 11.90 3.03 -4.31
C4H F42 M . 13.00 4.07 -4.23
C5H F42 M . 12.59 5.54 -4.12
O5H F42 M . 11.48 5.86 -3.74
N1G F42 M . 13.52 6.57 -4.45
C1' F42 N . -12.53 -2.75 -5.10
C2' F42 N . -12.19 -1.95 -3.86
O2' F42 N . -12.84 -2.52 -2.75
C3' F42 N . -12.32 -0.44 -3.80
O3' F42 N . -12.58 -0.11 -2.47
C4' F42 N . -13.36 0.30 -4.62
O4' F42 N . -13.18 0.02 -5.99
C5' F42 N . -13.50 1.79 -4.43
O5' F42 N . -12.82 2.42 -5.50
P F42 N . -11.91 3.70 -5.28
O1P F42 N . -10.56 3.48 -5.95
O2P F42 N . -12.65 4.81 -6.02
O3P F42 N . -11.72 4.10 -3.75
C1I F42 N . -12.33 5.29 -3.24
C2I F42 N . -13.12 4.98 -1.99
C3I F42 N . -11.29 6.38 -3.04
O3I F42 N . -10.11 6.07 -3.09
N1H F42 N . -11.69 7.74 -2.80
C1H F42 N . -10.73 8.81 -2.62
C2H F42 N . -11.08 9.76 -1.49
O2U F42 N . -10.24 10.60 -1.07
O2T F42 N . -12.24 9.72 -1.01
C3H F42 N . -10.67 9.59 -3.91
C4H F42 N . -9.24 9.69 -4.39
C5H F42 N . -9.11 10.14 -5.82
O5H F42 N . -8.26 9.62 -6.54
N1G F42 N . -9.92 11.15 -6.39
C1G F42 N . -9.67 11.51 -7.74
C2G F42 N . -8.55 12.54 -7.78
O2V F42 N . -8.28 13.18 -6.73
O2W F42 N . -7.87 12.75 -8.82
C3G F42 N . -10.95 11.98 -8.40
C4G F42 N . -10.85 12.18 -9.90
C5G F42 N . -12.16 12.69 -10.47
O6G F42 N . -12.90 11.91 -11.13
O7G F42 N . -12.51 13.88 -10.28
C FMT O . -15.15 -3.42 -25.89
O1 FMT O . -14.66 -4.51 -26.19
O2 FMT O . -15.62 -3.11 -24.77
C FMT P . -14.36 8.51 -4.86
O1 FMT P . -14.53 9.36 -5.73
O2 FMT P . -14.76 8.60 -3.71
C1 PDO Q . 11.15 3.69 -11.15
O1 PDO Q . 10.82 5.04 -10.82
C2 PDO Q . 10.43 3.29 -12.44
C3 PDO Q . 10.78 1.84 -12.80
O3 PDO Q . 9.62 1.18 -13.31
C1 PDO R . -23.43 -20.80 -16.16
O1 PDO R . -24.19 -19.79 -16.76
C2 PDO R . -22.13 -20.99 -16.93
C3 PDO R . -22.00 -22.32 -17.68
O3 PDO R . -20.96 -22.24 -18.62
NA NA S . -14.69 5.72 -5.92
#